data_5ZB9
#
_entry.id   5ZB9
#
_cell.length_a   81.185
_cell.length_b   92.019
_cell.length_c   98.370
_cell.angle_alpha   90.000
_cell.angle_beta   90.000
_cell.angle_gamma   90.000
#
_symmetry.space_group_name_H-M   'P 21 21 21'
#
loop_
_entity.id
_entity.type
_entity.pdbx_description
1 polymer 'DNA damage response protein Rtt109, putative'
2 non-polymer GLYCEROL
3 water water
#
_entity_poly.entity_id   1
_entity_poly.type   'polypeptide(L)'
_entity_poly.pdbx_seq_one_letter_code
;SMSKVDVDLGDSLAKVLPTGVKVTIRHISSAPSPCVALFAAPPGEEPESTFCENHFLAVSISPNENEESEVIIFGIEVLV
YGTAHLTTIFVSKADSTGYLHLLKNAPKVSLLRLISNAFLSFLVQTHQRPGVRLMVSLFARAQNQYLFPGSIENPEKHVL
DDRGLIKWWCRVIDPILREYEPETGSHEKAVDDQTQESAKSSATAFLIVPGCDKFETRGFFPITARSDGKDRPRWLNSYP
LHQLCDNPNAPPRCLVPRFPDDP(ALY)TRFLIDLDDELPESTGAAGSKENSGHWRSVKSLAQFWEMMSFRQECSAGRLV
GFLWLVINPPGLVNSVQMTSSRVASRDVENVLSESAKTTHDATKQKDEAASVSSPPHPSTSGLQTSPIALPGVSSSDTHA
TVQQATGPSAFFWPDTGRGHAVLSEEDYKAAINFLIDQDFNTKHKAIASTKAWAEKVASLADQLWVGQRVEGRNATTEPG
QKHTDATTVINTAFVRKRKTADEESDKPGEVRGAPGDSEEVNPTPVQSNQAPSVNVLNANLLRKKKKT
;
_entity_poly.pdbx_strand_id   A
#
loop_
_chem_comp.id
_chem_comp.type
_chem_comp.name
_chem_comp.formula
GOL non-polymer GLYCEROL 'C3 H8 O3'
#
# COMPACT_ATOMS: atom_id res chain seq x y z
N VAL A 7 1.27 5.03 19.98
CA VAL A 7 0.13 5.45 19.19
C VAL A 7 -0.94 4.36 19.13
N ASP A 8 -2.20 4.78 19.18
CA ASP A 8 -3.33 3.86 19.18
C ASP A 8 -4.15 4.03 17.89
N LEU A 9 -4.44 2.92 17.22
CA LEU A 9 -5.16 2.98 15.95
C LEU A 9 -6.59 3.49 16.16
N GLY A 10 -7.31 2.90 17.11
CA GLY A 10 -8.69 3.27 17.35
C GLY A 10 -8.84 4.73 17.73
N ASP A 11 -7.87 5.23 18.48
CA ASP A 11 -7.89 6.62 18.88
C ASP A 11 -7.56 7.57 17.73
N SER A 12 -6.59 7.19 16.91
CA SER A 12 -6.24 7.97 15.73
C SER A 12 -7.45 8.11 14.82
N LEU A 13 -8.13 6.98 14.64
CA LEU A 13 -9.28 6.88 13.78
C LEU A 13 -10.45 7.70 14.30
N ALA A 14 -10.59 7.73 15.62
CA ALA A 14 -11.68 8.46 16.27
C ALA A 14 -11.55 9.96 16.02
N LYS A 15 -10.32 10.43 15.99
CA LYS A 15 -10.04 11.85 15.78
C LYS A 15 -10.39 12.33 14.37
N VAL A 16 -10.38 11.45 13.38
CA VAL A 16 -10.65 11.88 12.00
C VAL A 16 -12.09 11.61 11.57
N LEU A 17 -12.76 10.66 12.22
CA LEU A 17 -14.13 10.34 11.85
C LEU A 17 -15.09 11.42 12.34
N PRO A 18 -16.12 11.72 11.56
CA PRO A 18 -17.11 12.71 11.99
C PRO A 18 -17.77 12.35 13.31
N THR A 19 -18.02 13.37 14.13
CA THR A 19 -18.72 13.21 15.40
C THR A 19 -19.97 12.35 15.27
N GLY A 20 -20.05 11.33 16.11
CA GLY A 20 -21.22 10.47 16.12
C GLY A 20 -21.15 9.29 15.19
N VAL A 21 -20.14 9.25 14.33
CA VAL A 21 -19.95 8.06 13.49
C VAL A 21 -19.37 6.95 14.35
N LYS A 22 -20.08 5.83 14.43
CA LYS A 22 -19.64 4.71 15.24
C LYS A 22 -19.29 3.51 14.38
N VAL A 23 -18.07 3.03 14.51
CA VAL A 23 -17.67 1.80 13.82
C VAL A 23 -16.92 0.90 14.77
N THR A 24 -16.74 -0.36 14.37
CA THR A 24 -15.95 -1.31 15.13
C THR A 24 -14.76 -1.72 14.29
N ILE A 25 -13.58 -1.80 14.88
CA ILE A 25 -12.39 -2.18 14.12
C ILE A 25 -11.73 -3.43 14.68
N ARG A 26 -11.22 -4.25 13.75
CA ARG A 26 -10.41 -5.39 14.13
C ARG A 26 -9.16 -5.36 13.26
N HIS A 27 -8.05 -5.12 13.91
CA HIS A 27 -6.76 -5.04 13.25
C HIS A 27 -5.97 -6.30 13.63
N ILE A 28 -5.71 -7.17 12.68
CA ILE A 28 -4.91 -8.33 12.99
C ILE A 28 -3.62 -8.24 12.20
N SER A 29 -2.54 -8.75 12.77
CA SER A 29 -1.25 -8.70 12.10
C SER A 29 -0.46 -9.97 12.34
N SER A 30 0.63 -10.13 11.60
CA SER A 30 1.54 -11.25 11.82
C SER A 30 2.92 -10.70 12.16
N ALA A 31 3.73 -11.50 12.84
CA ALA A 31 5.05 -11.01 13.23
C ALA A 31 5.92 -10.98 11.99
N PRO A 32 6.92 -10.09 11.96
CA PRO A 32 7.82 -10.03 10.82
C PRO A 32 8.47 -11.38 10.56
N SER A 33 8.42 -11.85 9.33
CA SER A 33 9.07 -13.10 8.97
C SER A 33 9.80 -12.90 7.65
N PRO A 34 10.86 -13.69 7.41
CA PRO A 34 11.66 -13.52 6.20
C PRO A 34 10.82 -13.69 4.96
N CYS A 35 11.13 -12.91 3.92
CA CYS A 35 10.41 -13.03 2.67
C CYS A 35 11.35 -12.81 1.51
N VAL A 36 10.85 -13.06 0.30
CA VAL A 36 11.60 -12.78 -0.91
C VAL A 36 11.77 -11.28 -1.04
N ALA A 37 12.95 -10.86 -1.48
CA ALA A 37 13.25 -9.44 -1.67
C ALA A 37 12.29 -8.78 -2.66
N LEU A 38 12.04 -7.49 -2.45
CA LEU A 38 11.24 -6.69 -3.38
C LEU A 38 11.98 -6.47 -4.69
N PHE A 39 13.29 -6.32 -4.62
CA PHE A 39 14.10 -6.12 -5.82
C PHE A 39 14.94 -7.35 -6.13
N ALA A 40 14.95 -7.76 -7.40
CA ALA A 40 15.84 -8.82 -7.85
C ALA A 40 17.31 -8.38 -7.73
N ALA A 41 18.17 -9.30 -7.34
CA ALA A 41 19.60 -9.03 -7.22
C ALA A 41 20.25 -8.90 -8.58
N PRO A 42 21.20 -7.96 -8.70
CA PRO A 42 22.00 -7.85 -9.93
C PRO A 42 22.92 -9.06 -10.06
N PRO A 43 23.46 -9.31 -11.26
CA PRO A 43 24.38 -10.46 -11.42
C PRO A 43 25.56 -10.38 -10.45
N GLY A 44 25.86 -11.48 -9.78
CA GLY A 44 27.01 -11.54 -8.90
C GLY A 44 26.76 -11.15 -7.45
N GLU A 45 25.52 -10.79 -7.13
CA GLU A 45 25.19 -10.40 -5.77
C GLU A 45 24.04 -11.22 -5.23
N GLU A 46 23.91 -11.25 -3.91
CA GLU A 46 22.77 -11.91 -3.29
C GLU A 46 21.65 -10.89 -3.08
N PRO A 47 20.40 -11.37 -2.97
CA PRO A 47 19.26 -10.50 -2.68
C PRO A 47 19.37 -9.85 -1.31
N GLU A 48 18.77 -8.68 -1.12
CA GLU A 48 18.78 -8.05 0.18
C GLU A 48 17.94 -8.86 1.15
N SER A 49 18.44 -9.02 2.37
CA SER A 49 17.69 -9.66 3.43
C SER A 49 16.43 -8.85 3.74
N THR A 50 15.28 -9.50 3.62
CA THR A 50 14.01 -8.78 3.70
C THR A 50 13.01 -9.50 4.61
N PHE A 51 12.33 -8.73 5.46
CA PHE A 51 11.27 -9.30 6.30
C PHE A 51 9.94 -8.67 5.93
N CYS A 52 8.86 -9.42 6.11
CA CYS A 52 7.54 -8.87 5.84
C CYS A 52 6.60 -9.07 7.02
N GLU A 53 5.74 -8.08 7.22
CA GLU A 53 4.76 -8.10 8.30
C GLU A 53 3.39 -7.83 7.69
N ASN A 54 2.45 -8.76 7.88
CA ASN A 54 1.10 -8.58 7.37
C ASN A 54 0.21 -7.79 8.31
N HIS A 55 -0.62 -6.90 7.76
CA HIS A 55 -1.62 -6.18 8.53
C HIS A 55 -2.96 -6.22 7.82
N PHE A 56 -4.01 -6.49 8.57
CA PHE A 56 -5.35 -6.43 8.00
C PHE A 56 -6.32 -5.72 8.94
N LEU A 57 -7.05 -4.76 8.40
CA LEU A 57 -8.03 -4.03 9.17
C LEU A 57 -9.41 -4.28 8.60
N ALA A 58 -10.29 -4.85 9.42
CA ALA A 58 -11.70 -4.95 9.06
C ALA A 58 -12.49 -3.93 9.85
N VAL A 59 -13.37 -3.22 9.15
CA VAL A 59 -14.18 -2.20 9.78
C VAL A 59 -15.64 -2.57 9.62
N SER A 60 -16.38 -2.54 10.72
CA SER A 60 -17.78 -2.90 10.67
C SER A 60 -18.63 -1.86 11.38
N ILE A 61 -19.93 -1.92 11.11
CA ILE A 61 -20.90 -1.09 11.78
C ILE A 61 -21.99 -1.96 12.38
N SER A 62 -22.68 -1.42 13.38
CA SER A 62 -23.85 -2.07 13.95
C SER A 62 -25.12 -1.38 13.46
N PRO A 63 -25.89 -2.04 12.57
CA PRO A 63 -27.12 -1.45 12.04
C PRO A 63 -28.11 -1.08 13.15
N ASN A 64 -28.05 -1.80 14.26
CA ASN A 64 -28.78 -1.42 15.47
C ASN A 64 -27.87 -1.51 16.69
N GLU A 65 -27.71 -0.38 17.37
CA GLU A 65 -26.86 -0.32 18.56
C GLU A 65 -27.46 -1.18 19.69
N ASN A 66 -26.60 -1.56 20.63
CA ASN A 66 -26.97 -2.52 21.69
C ASN A 66 -27.51 -3.84 21.12
N GLU A 67 -26.95 -4.25 19.99
CA GLU A 67 -27.21 -5.56 19.40
C GLU A 67 -25.90 -6.13 18.90
N GLU A 68 -25.74 -7.44 19.04
CA GLU A 68 -24.52 -8.12 18.62
C GLU A 68 -24.30 -7.95 17.12
N SER A 69 -25.36 -7.56 16.43
CA SER A 69 -25.35 -7.42 14.97
C SER A 69 -24.29 -6.45 14.46
N GLU A 70 -23.26 -7.00 13.81
CA GLU A 70 -22.29 -6.20 13.09
C GLU A 70 -22.33 -6.56 11.61
N VAL A 71 -22.06 -5.59 10.74
CA VAL A 71 -21.75 -5.94 9.36
C VAL A 71 -20.47 -5.23 8.91
N ILE A 72 -19.54 -6.01 8.37
CA ILE A 72 -18.31 -5.48 7.83
C ILE A 72 -18.59 -4.55 6.65
N ILE A 73 -18.01 -3.37 6.65
CA ILE A 73 -18.20 -2.44 5.55
C ILE A 73 -16.93 -2.23 4.71
N PHE A 74 -15.78 -2.61 5.26
CA PHE A 74 -14.53 -2.29 4.59
C PHE A 74 -13.42 -3.20 5.08
N GLY A 75 -12.54 -3.58 4.17
CA GLY A 75 -11.38 -4.38 4.54
C GLY A 75 -10.15 -3.89 3.80
N ILE A 76 -9.04 -3.73 4.52
CA ILE A 76 -7.82 -3.29 3.87
C ILE A 76 -6.63 -4.07 4.39
N GLU A 77 -5.88 -4.68 3.47
CA GLU A 77 -4.66 -5.39 3.84
C GLU A 77 -3.45 -4.57 3.45
N VAL A 78 -2.50 -4.48 4.37
CA VAL A 78 -1.27 -3.75 4.11
C VAL A 78 -0.06 -4.58 4.48
N LEU A 79 0.89 -4.71 3.56
CA LEU A 79 2.12 -5.45 3.83
C LEU A 79 3.26 -4.49 4.13
N VAL A 80 3.94 -4.70 5.25
CA VAL A 80 5.09 -3.88 5.60
C VAL A 80 6.37 -4.68 5.37
N TYR A 81 7.20 -4.22 4.44
CA TYR A 81 8.50 -4.84 4.18
C TYR A 81 9.61 -4.05 4.84
N GLY A 82 10.64 -4.74 5.29
CA GLY A 82 11.80 -4.09 5.86
C GLY A 82 13.10 -4.67 5.34
N THR A 83 13.99 -3.80 4.90
CA THR A 83 15.39 -4.15 4.70
C THR A 83 16.23 -3.23 5.59
N ALA A 84 17.54 -3.33 5.48
CA ALA A 84 18.40 -2.48 6.29
C ALA A 84 18.23 -1.02 5.92
N HIS A 85 17.87 -0.75 4.65
CA HIS A 85 17.85 0.63 4.17
C HIS A 85 16.49 1.16 3.68
N LEU A 86 15.46 0.32 3.70
CA LEU A 86 14.15 0.75 3.24
C LEU A 86 13.00 0.09 4.00
N THR A 87 12.04 0.89 4.43
CA THR A 87 10.75 0.39 4.88
C THR A 87 9.72 0.61 3.78
N THR A 88 9.00 -0.43 3.41
CA THR A 88 7.98 -0.30 2.38
C THR A 88 6.62 -0.69 2.91
N ILE A 89 5.69 0.25 2.89
CA ILE A 89 4.32 -0.01 3.26
C ILE A 89 3.44 -0.16 2.00
N PHE A 90 3.05 -1.40 1.71
CA PHE A 90 2.35 -1.71 0.47
C PHE A 90 0.92 -2.14 0.70
N VAL A 91 -0.01 -1.50 0.01
CA VAL A 91 -1.42 -1.89 0.09
C VAL A 91 -1.67 -3.05 -0.86
N SER A 92 -2.09 -4.19 -0.33
CA SER A 92 -2.29 -5.36 -1.17
C SER A 92 -3.75 -5.58 -1.50
N LYS A 93 -4.63 -5.18 -0.59
CA LYS A 93 -6.07 -5.40 -0.76
C LYS A 93 -6.88 -4.26 -0.14
N ALA A 94 -7.98 -3.92 -0.78
CA ALA A 94 -8.90 -2.93 -0.24
C ALA A 94 -10.23 -3.07 -0.93
N ASP A 95 -11.26 -3.48 -0.18
CA ASP A 95 -12.58 -3.65 -0.75
C ASP A 95 -13.64 -3.19 0.23
N SER A 96 -14.81 -2.88 -0.30
CA SER A 96 -15.96 -2.56 0.54
C SER A 96 -17.00 -3.65 0.33
N THR A 97 -18.04 -3.66 1.14
CA THR A 97 -19.07 -4.68 1.02
C THR A 97 -20.33 -4.06 0.42
N GLY A 98 -20.51 -2.78 0.63
CA GLY A 98 -21.66 -2.08 0.10
C GLY A 98 -22.74 -1.87 1.14
N TYR A 99 -22.44 -2.20 2.39
CA TYR A 99 -23.44 -2.11 3.45
C TYR A 99 -23.27 -0.90 4.35
N LEU A 100 -22.38 0.00 3.96
CA LEU A 100 -22.15 1.22 4.73
C LEU A 100 -23.42 2.06 4.86
N HIS A 101 -24.33 1.92 3.89
CA HIS A 101 -25.56 2.70 3.90
C HIS A 101 -26.47 2.35 5.11
N LEU A 102 -26.26 1.19 5.69
CA LEU A 102 -27.03 0.78 6.88
C LEU A 102 -26.62 1.55 8.13
N LEU A 103 -25.68 2.47 7.98
CA LEU A 103 -25.22 3.25 9.10
C LEU A 103 -26.06 4.50 9.24
N LYS A 104 -26.89 4.53 10.29
CA LYS A 104 -27.76 5.66 10.57
C LYS A 104 -26.97 6.97 10.67
N ASN A 105 -27.38 7.96 9.88
CA ASN A 105 -26.73 9.27 9.82
C ASN A 105 -25.25 9.18 9.48
N ALA A 106 -24.94 8.70 8.28
CA ALA A 106 -23.55 8.58 7.83
C ALA A 106 -23.18 9.72 6.90
N PRO A 107 -22.38 10.68 7.41
CA PRO A 107 -21.98 11.89 6.67
C PRO A 107 -21.38 11.62 5.30
N LYS A 108 -21.24 12.70 4.51
CA LYS A 108 -20.99 12.61 3.08
C LYS A 108 -19.53 12.39 2.69
N VAL A 109 -18.59 12.79 3.56
CA VAL A 109 -17.18 12.51 3.32
C VAL A 109 -16.98 11.00 3.17
N SER A 110 -16.09 10.58 2.30
CA SER A 110 -15.86 9.15 2.12
C SER A 110 -15.24 8.61 3.40
N LEU A 111 -16.05 7.92 4.20
CA LEU A 111 -15.55 7.24 5.37
C LEU A 111 -14.44 6.28 4.98
N LEU A 112 -14.60 5.63 3.83
CA LEU A 112 -13.60 4.67 3.40
C LEU A 112 -12.27 5.37 3.12
N ARG A 113 -12.32 6.60 2.59
CA ARG A 113 -11.09 7.35 2.36
C ARG A 113 -10.45 7.71 3.69
N LEU A 114 -11.26 8.17 4.63
CA LEU A 114 -10.76 8.56 5.95
C LEU A 114 -10.12 7.39 6.69
N ILE A 115 -10.77 6.23 6.63
CA ILE A 115 -10.26 5.04 7.25
C ILE A 115 -8.91 4.61 6.65
N SER A 116 -8.86 4.51 5.32
CA SER A 116 -7.64 4.12 4.62
C SER A 116 -6.46 5.04 4.94
N ASN A 117 -6.73 6.34 4.94
CA ASN A 117 -5.79 7.39 5.31
C ASN A 117 -5.25 7.17 6.74
N ALA A 118 -6.18 6.97 7.67
CA ALA A 118 -5.83 6.81 9.08
C ALA A 118 -5.00 5.54 9.30
N PHE A 119 -5.40 4.44 8.69
CA PHE A 119 -4.68 3.18 8.82
C PHE A 119 -3.25 3.28 8.26
N LEU A 120 -3.09 3.84 7.07
CA LEU A 120 -1.76 4.06 6.49
C LEU A 120 -0.93 5.01 7.35
N SER A 121 -1.52 6.13 7.75
CA SER A 121 -0.88 7.07 8.67
C SER A 121 -0.36 6.36 9.92
N PHE A 122 -1.22 5.53 10.50
CA PHE A 122 -0.88 4.76 11.67
C PHE A 122 0.33 3.87 11.44
N LEU A 123 0.34 3.14 10.32
CA LEU A 123 1.42 2.20 10.05
C LEU A 123 2.73 2.94 9.76
N VAL A 124 2.63 4.14 9.18
CA VAL A 124 3.83 4.95 8.93
C VAL A 124 4.45 5.43 10.24
N GLN A 125 3.62 5.96 11.14
CA GLN A 125 4.09 6.45 12.44
C GLN A 125 4.81 5.36 13.22
N THR A 126 4.31 4.13 13.14
CA THR A 126 4.79 3.05 13.99
C THR A 126 5.87 2.19 13.34
N HIS A 127 6.21 2.43 12.08
CA HIS A 127 7.21 1.61 11.41
C HIS A 127 8.35 2.44 10.88
N GLN A 128 8.19 3.75 11.01
CA GLN A 128 9.24 4.71 10.72
C GLN A 128 10.47 4.43 11.60
N ARG A 129 11.62 4.20 10.98
CA ARG A 129 12.87 4.02 11.70
C ARG A 129 13.74 5.25 11.50
N PRO A 130 14.51 5.63 12.53
CA PRO A 130 15.42 6.79 12.44
C PRO A 130 16.46 6.63 11.35
N GLY A 131 16.58 7.64 10.48
CA GLY A 131 17.55 7.61 9.41
C GLY A 131 17.25 6.69 8.24
N VAL A 132 16.15 5.93 8.31
CA VAL A 132 15.81 4.98 7.25
C VAL A 132 14.65 5.46 6.38
N ARG A 133 14.89 5.57 5.08
CA ARG A 133 13.86 5.93 4.12
C ARG A 133 12.64 5.01 4.23
N LEU A 134 11.44 5.60 4.17
CA LEU A 134 10.20 4.85 4.21
C LEU A 134 9.33 5.16 2.99
N MET A 135 8.72 4.12 2.43
CA MET A 135 7.89 4.26 1.23
C MET A 135 6.49 3.69 1.43
N VAL A 136 5.49 4.44 1.00
CA VAL A 136 4.13 3.91 0.89
C VAL A 136 3.86 3.69 -0.59
N SER A 137 3.36 2.50 -0.92
CA SER A 137 3.19 2.15 -2.32
C SER A 137 1.92 1.36 -2.55
N LEU A 138 1.40 1.43 -3.77
CA LEU A 138 0.20 0.70 -4.17
C LEU A 138 0.03 0.79 -5.68
N PHE A 139 -0.75 -0.12 -6.25
CA PHE A 139 -1.18 0.06 -7.63
C PHE A 139 -2.70 0.22 -7.61
N ALA A 140 -3.21 1.07 -8.49
CA ALA A 140 -4.64 1.37 -8.49
C ALA A 140 -5.29 0.89 -9.77
N ARG A 141 -6.29 0.02 -9.62
CA ARG A 141 -7.08 -0.45 -10.75
C ARG A 141 -8.34 -1.16 -10.24
N ALA A 142 -9.43 -1.03 -10.96
CA ALA A 142 -10.65 -1.79 -10.66
C ALA A 142 -10.43 -3.27 -10.96
N GLN A 143 -10.82 -4.14 -10.04
CA GLN A 143 -10.53 -5.56 -10.22
C GLN A 143 -11.33 -6.44 -9.31
N ASN A 144 -11.09 -7.74 -9.43
CA ASN A 144 -11.75 -8.74 -8.60
C ASN A 144 -11.05 -8.92 -7.26
N GLN A 145 -11.10 -7.89 -6.41
CA GLN A 145 -10.51 -7.97 -5.08
C GLN A 145 -10.99 -9.25 -4.37
N TYR A 146 -10.06 -9.96 -3.74
CA TYR A 146 -10.36 -11.21 -3.04
C TYR A 146 -11.49 -11.06 -2.04
N LEU A 147 -11.42 -9.98 -1.27
CA LEU A 147 -11.99 -9.92 0.07
C LEU A 147 -13.41 -10.38 0.26
N PHE A 148 -14.37 -9.76 -0.41
CA PHE A 148 -15.77 -9.99 -0.06
C PHE A 148 -16.60 -10.53 -1.23
N PRO A 149 -16.64 -11.87 -1.36
CA PRO A 149 -17.34 -12.48 -2.50
C PRO A 149 -18.85 -12.33 -2.38
N GLY A 150 -19.47 -12.04 -3.52
CA GLY A 150 -20.90 -11.89 -3.57
C GLY A 150 -21.34 -10.47 -3.28
N SER A 151 -20.47 -9.70 -2.62
CA SER A 151 -20.77 -8.31 -2.34
C SER A 151 -20.94 -7.52 -3.64
N ILE A 152 -20.39 -8.08 -4.72
CA ILE A 152 -20.52 -7.46 -6.04
C ILE A 152 -21.99 -7.48 -6.50
N GLU A 153 -22.75 -8.47 -6.00
CA GLU A 153 -24.17 -8.59 -6.35
C GLU A 153 -25.03 -7.63 -5.54
N ASN A 154 -24.50 -7.14 -4.42
CA ASN A 154 -25.21 -6.17 -3.59
C ASN A 154 -25.40 -4.88 -4.36
N PRO A 155 -26.67 -4.56 -4.72
CA PRO A 155 -27.01 -3.40 -5.54
C PRO A 155 -26.57 -2.07 -4.91
N GLU A 156 -26.17 -2.11 -3.64
CA GLU A 156 -25.78 -0.90 -2.93
C GLU A 156 -24.29 -0.65 -2.95
N LYS A 157 -23.53 -1.64 -3.41
CA LYS A 157 -22.08 -1.49 -3.52
C LYS A 157 -21.73 -0.69 -4.77
N HIS A 158 -21.15 0.48 -4.56
CA HIS A 158 -20.76 1.33 -5.68
C HIS A 158 -19.26 1.29 -5.89
N VAL A 159 -18.85 0.81 -7.07
CA VAL A 159 -17.44 0.65 -7.41
C VAL A 159 -17.01 1.74 -8.41
N LEU A 160 -15.75 2.16 -8.29
CA LEU A 160 -15.16 3.12 -9.20
C LEU A 160 -14.47 2.42 -10.38
N ASP A 161 -14.33 3.11 -11.50
CA ASP A 161 -13.51 2.58 -12.59
C ASP A 161 -12.02 2.92 -12.34
N ASP A 162 -11.15 2.52 -13.25
CA ASP A 162 -9.71 2.74 -13.08
C ASP A 162 -9.35 4.20 -12.79
N ARG A 163 -9.86 5.12 -13.60
CA ARG A 163 -9.51 6.53 -13.44
C ARG A 163 -10.00 7.05 -12.09
N GLY A 164 -11.19 6.63 -11.68
CA GLY A 164 -11.72 7.05 -10.40
C GLY A 164 -10.91 6.50 -9.23
N LEU A 165 -10.44 5.26 -9.36
CA LEU A 165 -9.64 4.64 -8.31
C LEU A 165 -8.27 5.31 -8.15
N ILE A 166 -7.65 5.64 -9.29
CA ILE A 166 -6.38 6.36 -9.24
C ILE A 166 -6.53 7.72 -8.54
N LYS A 167 -7.57 8.48 -8.88
CA LYS A 167 -7.79 9.76 -8.21
C LYS A 167 -8.09 9.55 -6.72
N TRP A 168 -8.84 8.49 -6.43
CA TRP A 168 -9.23 8.19 -5.04
C TRP A 168 -8.00 7.92 -4.18
N TRP A 169 -7.13 7.04 -4.66
CA TRP A 169 -5.94 6.66 -3.91
C TRP A 169 -4.99 7.83 -3.73
N CYS A 170 -4.92 8.72 -4.72
CA CYS A 170 -4.11 9.93 -4.54
C CYS A 170 -4.68 10.81 -3.42
N ARG A 171 -6.01 10.87 -3.30
CA ARG A 171 -6.65 11.66 -2.25
CA ARG A 171 -6.64 11.67 -2.24
C ARG A 171 -6.43 11.02 -0.88
N VAL A 172 -6.25 9.71 -0.85
CA VAL A 172 -5.92 9.01 0.39
C VAL A 172 -4.51 9.39 0.84
N ILE A 173 -3.60 9.40 -0.13
CA ILE A 173 -2.19 9.66 0.11
C ILE A 173 -1.90 11.15 0.41
N ASP A 174 -2.63 12.05 -0.24
CA ASP A 174 -2.33 13.48 -0.17
C ASP A 174 -2.14 14.03 1.25
N PRO A 175 -3.08 13.75 2.19
CA PRO A 175 -2.89 14.31 3.54
C PRO A 175 -1.70 13.70 4.29
N ILE A 176 -1.36 12.44 3.98
CA ILE A 176 -0.17 11.85 4.59
C ILE A 176 1.05 12.58 4.08
N LEU A 177 1.10 12.74 2.76
CA LEU A 177 2.16 13.46 2.07
C LEU A 177 2.41 14.82 2.69
N ARG A 178 1.32 15.54 2.97
CA ARG A 178 1.43 16.94 3.33
C ARG A 178 1.62 17.19 4.82
N GLU A 179 1.83 16.13 5.59
CA GLU A 179 2.28 16.26 6.97
C GLU A 179 3.79 16.42 7.01
N TYR A 180 4.42 16.23 5.85
CA TYR A 180 5.88 16.31 5.74
C TYR A 180 6.32 17.52 4.94
N GLU A 181 7.60 17.85 5.05
CA GLU A 181 8.13 19.04 4.39
C GLU A 181 8.28 18.84 2.89
N PRO A 182 8.06 19.91 2.10
CA PRO A 182 8.31 19.87 0.66
C PRO A 182 9.76 19.58 0.34
N GLU A 183 10.02 19.08 -0.85
CA GLU A 183 11.38 18.82 -1.29
C GLU A 183 11.65 19.53 -2.62
N THR A 184 12.93 19.66 -2.97
CA THR A 184 13.34 20.50 -4.09
C THR A 184 13.66 19.71 -5.34
N GLY A 185 14.09 18.46 -5.19
CA GLY A 185 14.44 17.65 -6.34
C GLY A 185 15.70 16.83 -6.12
N SER A 186 15.58 15.52 -6.34
CA SER A 186 16.67 14.58 -6.13
C SER A 186 17.89 14.93 -6.98
N HIS A 187 17.77 14.75 -8.29
CA HIS A 187 18.85 15.11 -9.21
C HIS A 187 18.76 16.58 -9.60
N GLU A 188 18.46 17.43 -8.61
CA GLU A 188 18.33 18.86 -8.83
C GLU A 188 19.54 19.60 -8.21
N LYS A 189 19.55 20.92 -8.37
CA LYS A 189 20.59 21.79 -7.84
C LYS A 189 20.89 21.54 -6.35
N ALA A 190 22.17 21.49 -6.02
CA ALA A 190 22.60 21.29 -4.63
C ALA A 190 22.77 22.63 -3.92
N VAL A 191 21.66 23.26 -3.56
CA VAL A 191 21.69 24.54 -2.86
C VAL A 191 21.83 24.33 -1.36
N ASP A 192 21.39 25.32 -0.58
CA ASP A 192 21.36 25.19 0.87
C ASP A 192 20.02 24.61 1.33
N ASP A 193 19.31 23.99 0.38
CA ASP A 193 18.10 23.24 0.69
C ASP A 193 18.48 21.89 1.28
N GLN A 194 19.79 21.61 1.30
CA GLN A 194 20.33 20.40 1.89
C GLN A 194 20.16 20.39 3.41
N THR A 195 20.66 21.44 4.07
CA THR A 195 20.58 21.54 5.53
C THR A 195 19.17 21.85 6.02
N GLN A 196 18.38 22.50 5.17
CA GLN A 196 16.98 22.78 5.47
C GLN A 196 16.16 21.50 5.57
N GLU A 197 16.08 20.78 4.46
CA GLU A 197 15.23 19.59 4.34
C GLU A 197 15.75 18.40 5.16
N SER A 198 16.98 18.49 5.65
CA SER A 198 17.59 17.36 6.35
C SER A 198 17.15 17.29 7.82
N ALA A 199 17.04 18.46 8.47
CA ALA A 199 16.66 18.51 9.88
C ALA A 199 15.19 18.16 10.11
N LYS A 200 14.42 18.11 9.02
CA LYS A 200 12.97 17.85 9.11
C LYS A 200 12.55 16.65 8.26
N SER A 201 11.45 16.03 8.63
CA SER A 201 10.90 14.91 7.86
C SER A 201 10.23 15.45 6.60
N SER A 202 10.65 14.94 5.44
CA SER A 202 10.13 15.44 4.17
C SER A 202 9.63 14.31 3.26
N ALA A 203 8.86 14.69 2.24
CA ALA A 203 8.23 13.70 1.38
C ALA A 203 7.77 14.26 0.04
N THR A 204 7.75 13.38 -0.97
CA THR A 204 7.18 13.66 -2.27
C THR A 204 6.37 12.44 -2.72
N ALA A 205 5.30 12.68 -3.47
CA ALA A 205 4.49 11.59 -4.03
C ALA A 205 4.77 11.44 -5.51
N PHE A 206 4.93 10.19 -5.95
CA PHE A 206 5.23 9.89 -7.35
C PHE A 206 4.14 9.03 -7.97
N LEU A 207 3.70 9.40 -9.17
CA LEU A 207 2.63 8.68 -9.84
C LEU A 207 2.98 8.40 -11.28
N ILE A 208 2.77 7.16 -11.71
CA ILE A 208 2.91 6.80 -13.12
C ILE A 208 1.67 6.03 -13.59
N VAL A 209 1.09 6.51 -14.68
CA VAL A 209 -0.02 5.82 -15.31
C VAL A 209 0.36 5.54 -16.75
N PRO A 210 0.93 4.36 -17.02
CA PRO A 210 1.40 3.99 -18.36
C PRO A 210 0.30 4.19 -19.41
N GLY A 211 0.63 4.88 -20.50
CA GLY A 211 -0.35 5.20 -21.52
C GLY A 211 -0.79 6.65 -21.44
N CYS A 212 -0.53 7.29 -20.32
CA CYS A 212 -0.93 8.68 -20.13
C CYS A 212 0.29 9.57 -20.11
N ASP A 213 0.25 10.67 -20.85
CA ASP A 213 1.40 11.55 -20.92
C ASP A 213 1.50 12.43 -19.67
N LYS A 214 2.52 13.27 -19.62
CA LYS A 214 2.77 14.08 -18.44
C LYS A 214 1.62 15.06 -18.17
N PHE A 215 0.86 15.42 -19.20
CA PHE A 215 -0.25 16.38 -19.02
C PHE A 215 -1.50 15.67 -18.52
N GLU A 216 -1.89 14.57 -19.17
CA GLU A 216 -3.06 13.83 -18.72
C GLU A 216 -2.85 13.25 -17.30
N THR A 217 -1.63 12.80 -17.00
CA THR A 217 -1.33 12.24 -15.69
C THR A 217 -1.55 13.25 -14.55
N ARG A 218 -1.32 14.53 -14.82
CA ARG A 218 -1.56 15.55 -13.79
C ARG A 218 -3.05 15.65 -13.47
N GLY A 219 -3.89 15.15 -14.39
CA GLY A 219 -5.31 15.10 -14.13
C GLY A 219 -5.66 14.22 -12.94
N PHE A 220 -4.75 13.32 -12.56
CA PHE A 220 -5.01 12.42 -11.46
C PHE A 220 -4.61 13.04 -10.13
N PHE A 221 -3.75 14.06 -10.17
CA PHE A 221 -3.27 14.71 -8.95
C PHE A 221 -4.40 15.39 -8.19
N PRO A 222 -4.32 15.43 -6.86
CA PRO A 222 -5.30 16.20 -6.07
C PRO A 222 -5.22 17.70 -6.37
N ILE A 223 -6.32 18.43 -6.21
CA ILE A 223 -6.36 19.87 -6.56
C ILE A 223 -5.38 20.69 -5.70
N THR A 224 -5.01 20.16 -4.55
CA THR A 224 -3.96 20.79 -3.73
C THR A 224 -2.67 21.05 -4.51
N ALA A 225 -2.40 20.25 -5.54
CA ALA A 225 -1.16 20.37 -6.31
C ALA A 225 -1.13 21.63 -7.17
N ARG A 226 -2.29 22.23 -7.38
CA ARG A 226 -2.37 23.44 -8.19
C ARG A 226 -1.61 24.60 -7.54
N SER A 227 -1.59 24.62 -6.21
CA SER A 227 -1.03 25.74 -5.48
C SER A 227 0.37 25.49 -4.91
N ASP A 228 0.94 24.32 -5.16
CA ASP A 228 2.33 24.08 -4.79
C ASP A 228 3.23 24.89 -5.72
N GLY A 229 4.34 25.41 -5.20
CA GLY A 229 5.25 26.18 -6.02
C GLY A 229 6.01 25.31 -7.02
N LYS A 230 6.39 25.90 -8.15
CA LYS A 230 7.15 25.19 -9.17
C LYS A 230 8.43 24.54 -8.63
N ASP A 231 9.05 25.17 -7.64
CA ASP A 231 10.34 24.72 -7.11
C ASP A 231 10.21 23.59 -6.10
N ARG A 232 9.02 23.40 -5.55
CA ARG A 232 8.81 22.34 -4.57
C ARG A 232 7.51 21.56 -4.81
N PRO A 233 7.40 20.87 -5.96
CA PRO A 233 6.18 20.11 -6.20
C PRO A 233 6.06 18.94 -5.22
N ARG A 234 4.83 18.58 -4.87
CA ARG A 234 4.60 17.46 -3.96
C ARG A 234 4.15 16.23 -4.76
N TRP A 235 3.65 16.45 -5.98
CA TRP A 235 3.29 15.35 -6.89
C TRP A 235 4.14 15.41 -8.16
N LEU A 236 4.75 14.28 -8.49
CA LEU A 236 5.59 14.20 -9.67
C LEU A 236 5.17 13.01 -10.52
N ASN A 237 5.15 13.21 -11.84
CA ASN A 237 4.87 12.13 -12.77
C ASN A 237 6.16 11.40 -13.15
N SER A 238 6.69 10.61 -12.23
CA SER A 238 7.85 9.80 -12.54
C SER A 238 8.07 8.69 -11.52
N TYR A 239 9.09 7.87 -11.75
CA TYR A 239 9.47 6.80 -10.84
C TYR A 239 10.73 7.20 -10.07
N PRO A 240 10.66 7.20 -8.73
CA PRO A 240 11.73 7.71 -7.87
C PRO A 240 12.92 6.74 -7.80
N LEU A 241 13.50 6.43 -8.96
CA LEU A 241 14.56 5.43 -9.10
C LEU A 241 15.74 5.58 -8.14
N HIS A 242 16.28 6.79 -8.06
CA HIS A 242 17.48 7.01 -7.28
C HIS A 242 17.27 6.95 -5.77
N GLN A 243 16.02 7.06 -5.34
CA GLN A 243 15.73 6.94 -3.90
C GLN A 243 15.47 5.48 -3.50
N LEU A 244 15.10 4.67 -4.47
CA LEU A 244 14.76 3.27 -4.22
C LEU A 244 15.89 2.31 -4.55
N CYS A 245 16.75 2.69 -5.51
CA CYS A 245 17.81 1.81 -5.98
C CYS A 245 19.20 2.41 -5.83
N ASP A 246 20.12 1.62 -5.27
CA ASP A 246 21.49 2.06 -5.05
C ASP A 246 22.29 2.12 -6.35
N ASN A 247 21.96 1.24 -7.28
CA ASN A 247 22.64 1.19 -8.56
C ASN A 247 21.68 1.35 -9.72
N PRO A 248 21.46 2.60 -10.14
CA PRO A 248 20.56 2.96 -11.24
C PRO A 248 21.05 2.45 -12.60
N ASN A 249 22.24 1.84 -12.60
CA ASN A 249 22.82 1.33 -13.83
C ASN A 249 22.74 -0.19 -13.92
N ALA A 250 22.24 -0.81 -12.86
CA ALA A 250 21.97 -2.25 -12.85
C ALA A 250 20.91 -2.58 -13.92
N PRO A 251 20.79 -3.87 -14.31
CA PRO A 251 19.78 -4.20 -15.33
C PRO A 251 18.37 -3.85 -14.88
N PRO A 252 17.50 -3.44 -15.83
CA PRO A 252 16.15 -2.96 -15.49
C PRO A 252 15.38 -3.93 -14.58
N ARG A 253 15.62 -5.23 -14.73
CA ARG A 253 14.91 -6.23 -13.92
C ARG A 253 15.18 -6.09 -12.43
N CYS A 254 16.19 -5.30 -12.07
CA CYS A 254 16.58 -5.11 -10.67
C CYS A 254 16.04 -3.80 -10.11
N LEU A 255 15.48 -2.96 -10.97
CA LEU A 255 15.16 -1.59 -10.61
C LEU A 255 13.68 -1.39 -10.24
N VAL A 256 12.86 -2.42 -10.43
CA VAL A 256 11.42 -2.34 -10.17
C VAL A 256 10.98 -3.29 -9.05
N PRO A 257 10.19 -2.80 -8.09
CA PRO A 257 9.84 -3.69 -6.98
C PRO A 257 8.77 -4.72 -7.37
N ARG A 258 8.87 -5.93 -6.81
CA ARG A 258 7.96 -7.02 -7.15
C ARG A 258 6.96 -7.33 -6.05
N PHE A 259 5.76 -6.77 -6.16
CA PHE A 259 4.69 -6.95 -5.17
C PHE A 259 3.71 -8.03 -5.62
N PRO A 260 2.97 -8.63 -4.66
CA PRO A 260 1.93 -9.63 -4.95
C PRO A 260 0.81 -9.10 -5.86
N ASP A 261 0.45 -9.89 -6.88
CA ASP A 261 -0.70 -9.61 -7.74
C ASP A 261 -0.59 -8.29 -8.51
N ASP A 262 0.60 -7.71 -8.55
CA ASP A 262 0.84 -6.46 -9.26
C ASP A 262 0.98 -6.70 -10.77
N PRO A 263 0.19 -5.98 -11.59
CA PRO A 263 0.29 -5.99 -13.06
C PRO A 263 1.72 -5.78 -13.58
OH ALY A 264 5.79 -0.19 -7.50
CH ALY A 264 4.78 -0.83 -7.84
CH3 ALY A 264 3.50 -0.79 -7.01
NZ ALY A 264 4.79 -1.59 -9.00
CE ALY A 264 5.93 -1.70 -9.86
CD ALY A 264 5.58 -1.89 -11.34
CG ALY A 264 5.01 -3.27 -11.56
CB ALY A 264 4.52 -3.38 -12.97
CA ALY A 264 3.88 -4.74 -13.34
N ALY A 264 2.52 -4.98 -12.88
C ALY A 264 4.82 -5.91 -13.03
O ALY A 264 5.75 -6.24 -13.76
N THR A 265 4.55 -6.58 -11.91
CA THR A 265 5.27 -7.80 -11.57
C THR A 265 4.97 -8.93 -12.55
N ARG A 266 3.71 -9.00 -12.99
CA ARG A 266 3.28 -9.97 -13.98
C ARG A 266 4.11 -9.80 -15.25
N PHE A 267 4.33 -8.55 -15.62
CA PHE A 267 5.16 -8.19 -16.77
C PHE A 267 6.62 -8.56 -16.51
N LEU A 268 7.13 -8.19 -15.34
CA LEU A 268 8.52 -8.49 -14.98
C LEU A 268 8.82 -9.99 -15.09
N ILE A 269 7.84 -10.81 -14.71
CA ILE A 269 7.99 -12.24 -14.71
C ILE A 269 8.02 -12.79 -16.15
N ASP A 270 7.19 -12.23 -17.02
CA ASP A 270 7.20 -12.57 -18.44
C ASP A 270 8.50 -12.20 -19.10
N LEU A 271 9.03 -11.03 -18.75
CA LEU A 271 10.29 -10.58 -19.31
C LEU A 271 11.43 -11.45 -18.78
N ASP A 272 11.38 -11.79 -17.49
CA ASP A 272 12.40 -12.66 -16.90
C ASP A 272 12.47 -14.00 -17.63
N ASP A 273 11.33 -14.48 -18.12
CA ASP A 273 11.30 -15.75 -18.84
C ASP A 273 11.91 -15.67 -20.25
N GLU A 274 12.27 -14.46 -20.69
CA GLU A 274 13.02 -14.32 -21.93
C GLU A 274 14.49 -14.64 -21.69
N LEU A 275 14.90 -14.62 -20.43
CA LEU A 275 16.29 -14.94 -20.07
C LEU A 275 16.60 -16.41 -20.29
N PRO A 276 17.85 -16.73 -20.62
CA PRO A 276 18.25 -18.14 -20.70
C PRO A 276 18.19 -18.80 -19.32
N GLU A 277 17.89 -20.10 -19.26
CA GLU A 277 17.73 -20.76 -17.96
C GLU A 277 19.07 -20.99 -17.30
N SER A 278 20.13 -20.94 -18.11
CA SER A 278 21.49 -20.97 -17.58
C SER A 278 21.72 -19.80 -16.61
N THR A 279 20.89 -18.76 -16.68
CA THR A 279 20.94 -17.63 -15.76
C THR A 279 20.68 -18.13 -14.33
N GLY A 280 21.42 -17.57 -13.37
CA GLY A 280 21.34 -18.07 -12.01
C GLY A 280 22.25 -19.25 -11.72
N ALA A 281 22.43 -20.13 -12.71
CA ALA A 281 23.29 -21.31 -12.55
C ALA A 281 24.73 -20.91 -12.24
N ALA A 282 25.45 -21.79 -11.55
CA ALA A 282 26.81 -21.50 -11.08
C ALA A 282 27.79 -21.26 -12.22
N GLY A 283 28.54 -20.16 -12.12
CA GLY A 283 29.55 -19.82 -13.09
C GLY A 283 29.03 -19.52 -14.49
N SER A 284 27.75 -19.19 -14.58
CA SER A 284 27.10 -18.99 -15.87
C SER A 284 27.70 -17.82 -16.65
N LYS A 285 27.71 -17.95 -17.98
CA LYS A 285 28.15 -16.89 -18.88
C LYS A 285 26.95 -16.18 -19.49
N GLU A 286 25.76 -16.69 -19.21
CA GLU A 286 24.51 -16.11 -19.67
C GLU A 286 23.78 -15.41 -18.51
N ASN A 287 24.50 -14.62 -17.73
CA ASN A 287 23.92 -13.99 -16.55
C ASN A 287 24.09 -12.46 -16.54
N SER A 288 23.80 -11.84 -17.67
CA SER A 288 23.81 -10.38 -17.75
C SER A 288 22.55 -9.82 -17.08
N GLY A 289 21.50 -10.64 -17.07
CA GLY A 289 20.22 -10.25 -16.53
C GLY A 289 19.47 -9.31 -17.46
N HIS A 290 19.88 -9.27 -18.73
CA HIS A 290 19.24 -8.39 -19.69
C HIS A 290 18.14 -9.11 -20.45
N TRP A 291 16.98 -8.47 -20.50
CA TRP A 291 15.85 -8.98 -21.24
C TRP A 291 16.07 -8.91 -22.74
N ARG A 292 15.26 -9.68 -23.48
CA ARG A 292 15.36 -9.68 -24.92
C ARG A 292 14.60 -8.51 -25.53
N SER A 293 13.34 -8.35 -25.15
CA SER A 293 12.47 -7.37 -25.78
C SER A 293 12.49 -6.00 -25.11
N VAL A 294 12.97 -5.90 -23.87
CA VAL A 294 13.02 -4.62 -23.17
C VAL A 294 14.43 -4.34 -22.65
N LYS A 295 14.98 -3.19 -23.02
CA LYS A 295 16.40 -2.90 -22.80
C LYS A 295 16.69 -1.83 -21.74
N SER A 296 15.69 -1.07 -21.35
CA SER A 296 15.88 -0.04 -20.35
C SER A 296 14.64 0.13 -19.48
N LEU A 297 14.81 0.86 -18.37
CA LEU A 297 13.70 1.17 -17.49
C LEU A 297 12.65 2.02 -18.20
N ALA A 298 13.11 3.01 -18.96
CA ALA A 298 12.22 3.84 -19.76
C ALA A 298 11.36 3.00 -20.70
N GLN A 299 11.97 1.97 -21.28
CA GLN A 299 11.30 1.13 -22.25
C GLN A 299 10.33 0.16 -21.55
N PHE A 300 10.64 -0.19 -20.30
CA PHE A 300 9.73 -0.99 -19.49
C PHE A 300 8.39 -0.27 -19.27
N TRP A 301 8.44 1.01 -18.89
CA TRP A 301 7.20 1.76 -18.66
C TRP A 301 6.42 1.95 -19.96
N GLU A 302 7.14 2.13 -21.06
CA GLU A 302 6.47 2.29 -22.34
C GLU A 302 5.75 1.01 -22.72
N MET A 303 6.43 -0.12 -22.57
CA MET A 303 5.85 -1.39 -22.96
C MET A 303 4.78 -1.87 -21.98
N MET A 304 4.82 -1.34 -20.74
CA MET A 304 3.74 -1.61 -19.79
C MET A 304 2.42 -1.19 -20.36
N SER A 305 2.42 -0.05 -21.07
CA SER A 305 1.20 0.51 -21.61
C SER A 305 0.53 -0.35 -22.68
N PHE A 306 1.20 -1.42 -23.12
CA PHE A 306 0.63 -2.32 -24.12
C PHE A 306 0.17 -3.65 -23.52
N ARG A 307 0.43 -3.83 -22.23
CA ARG A 307 -0.04 -4.99 -21.50
C ARG A 307 -1.56 -4.94 -21.35
N GLN A 308 -2.16 -6.07 -21.04
CA GLN A 308 -3.61 -6.16 -20.95
C GLN A 308 -4.20 -5.15 -19.94
N GLU A 309 -3.54 -4.98 -18.81
CA GLU A 309 -4.04 -4.09 -17.76
C GLU A 309 -3.97 -2.60 -18.15
N CYS A 310 -3.28 -2.28 -19.25
CA CYS A 310 -3.12 -0.89 -19.65
C CYS A 310 -3.68 -0.56 -21.03
N SER A 311 -4.49 -1.45 -21.60
CA SER A 311 -4.99 -1.20 -22.94
C SER A 311 -6.46 -1.64 -23.11
N ALA A 312 -7.02 -1.33 -24.30
CA ALA A 312 -8.43 -1.56 -24.57
C ALA A 312 -9.33 -0.88 -23.56
N GLY A 313 -8.90 0.28 -23.05
CA GLY A 313 -9.71 1.03 -22.11
C GLY A 313 -9.37 0.83 -20.65
N ARG A 314 -8.49 -0.12 -20.34
CA ARG A 314 -8.06 -0.34 -18.96
C ARG A 314 -6.86 0.55 -18.59
N LEU A 315 -6.83 1.02 -17.35
CA LEU A 315 -5.65 1.71 -16.84
C LEU A 315 -5.27 1.18 -15.46
N VAL A 316 -3.99 1.29 -15.12
CA VAL A 316 -3.55 1.09 -13.75
C VAL A 316 -2.59 2.21 -13.40
N GLY A 317 -2.70 2.74 -12.19
CA GLY A 317 -1.77 3.74 -11.72
C GLY A 317 -0.83 3.14 -10.68
N PHE A 318 0.44 3.52 -10.74
CA PHE A 318 1.39 3.09 -9.74
C PHE A 318 1.83 4.27 -8.90
N LEU A 319 1.71 4.12 -7.59
CA LEU A 319 1.95 5.22 -6.68
C LEU A 319 3.06 4.91 -5.66
N TRP A 320 3.99 5.85 -5.51
CA TRP A 320 5.02 5.75 -4.48
C TRP A 320 5.07 7.04 -3.70
N LEU A 321 4.79 6.95 -2.41
CA LEU A 321 5.00 8.08 -1.51
C LEU A 321 6.32 7.85 -0.82
N VAL A 322 7.31 8.69 -1.10
CA VAL A 322 8.64 8.50 -0.53
C VAL A 322 8.92 9.52 0.57
N ILE A 323 9.12 9.01 1.78
CA ILE A 323 9.33 9.84 2.96
C ILE A 323 10.79 9.81 3.42
N ASN A 324 11.43 10.97 3.48
CA ASN A 324 12.81 11.05 3.94
C ASN A 324 12.85 11.66 5.33
N PRO A 325 13.20 10.83 6.32
CA PRO A 325 13.22 11.22 7.73
C PRO A 325 14.34 12.21 8.03
N PRO A 326 14.32 12.87 9.20
CA PRO A 326 15.37 13.84 9.51
C PRO A 326 16.77 13.23 9.43
N GLY A 327 17.68 13.91 8.74
CA GLY A 327 19.02 13.39 8.54
C GLY A 327 19.13 12.75 7.18
N LEU A 328 18.13 13.01 6.35
CA LEU A 328 18.04 12.41 5.02
C LEU A 328 17.27 13.36 4.10
N VAL A 329 17.87 13.67 2.95
CA VAL A 329 17.19 14.46 1.93
C VAL A 329 16.98 13.58 0.70
N ASN A 330 16.17 14.05 -0.25
CA ASN A 330 15.84 13.24 -1.42
C ASN A 330 16.99 13.17 -2.44
N SER A 331 18.11 13.83 -2.15
CA SER A 331 19.28 13.78 -3.03
C SER A 331 20.24 12.66 -2.62
N VAL A 332 20.11 12.19 -1.38
CA VAL A 332 20.90 11.06 -0.89
C VAL A 332 20.43 9.77 -1.54
N GLN A 333 21.26 9.20 -2.40
CA GLN A 333 20.90 7.97 -3.11
C GLN A 333 20.76 6.79 -2.15
N MET A 334 19.84 5.88 -2.46
CA MET A 334 19.66 4.64 -1.72
C MET A 334 20.98 3.87 -1.63
N THR A 335 21.20 3.18 -0.51
CA THR A 335 22.42 2.38 -0.35
C THR A 335 22.08 0.88 -0.31
N SER A 336 23.05 0.07 -0.72
CA SER A 336 22.86 -1.39 -0.84
C SER A 336 23.18 -2.14 0.45
N SER A 337 22.36 -3.15 0.76
CA SER A 337 22.63 -4.04 1.89
C SER A 337 22.98 -5.44 1.41
N ARG A 338 23.21 -5.58 0.10
CA ARG A 338 23.55 -6.86 -0.52
C ARG A 338 24.95 -7.34 -0.14
N VAL A 339 25.13 -8.66 -0.15
CA VAL A 339 26.44 -9.27 0.04
C VAL A 339 26.87 -9.95 -1.27
N ALA A 340 28.17 -9.95 -1.55
CA ALA A 340 28.70 -10.52 -2.78
C ALA A 340 28.81 -12.05 -2.70
N SER A 341 28.41 -12.73 -3.76
CA SER A 341 28.45 -14.19 -3.82
C SER A 341 29.63 -14.70 -4.63
N ALA A 406 20.22 -9.57 11.24
CA ALA A 406 18.84 -9.14 11.32
C ALA A 406 18.71 -7.83 12.12
N PHE A 407 18.48 -6.73 11.41
CA PHE A 407 18.28 -5.40 11.99
C PHE A 407 17.11 -5.35 12.97
N PHE A 408 16.93 -4.22 13.64
CA PHE A 408 15.87 -4.11 14.66
C PHE A 408 14.54 -3.63 14.09
N TRP A 409 13.50 -4.46 14.29
CA TRP A 409 12.16 -4.16 13.81
C TRP A 409 11.24 -3.83 14.98
N PRO A 410 11.00 -2.53 15.22
CA PRO A 410 10.15 -2.08 16.33
C PRO A 410 8.71 -2.56 16.21
N ASP A 411 8.18 -3.15 17.27
CA ASP A 411 6.79 -3.60 17.24
C ASP A 411 5.89 -2.72 18.11
N THR A 412 5.41 -1.62 17.53
CA THR A 412 4.51 -0.72 18.22
C THR A 412 3.18 -0.57 17.49
N GLY A 413 3.13 -1.01 16.24
CA GLY A 413 1.91 -0.96 15.46
C GLY A 413 1.31 -2.32 15.22
N ARG A 414 1.42 -3.20 16.21
CA ARG A 414 0.83 -4.52 16.11
C ARG A 414 -0.67 -4.44 16.28
N GLY A 415 -1.39 -5.42 15.73
CA GLY A 415 -2.83 -5.37 15.80
C GLY A 415 -3.39 -5.75 17.16
N HIS A 416 -4.72 -5.72 17.26
CA HIS A 416 -5.43 -6.29 18.38
C HIS A 416 -5.02 -7.74 18.61
N ALA A 417 -4.69 -8.43 17.52
CA ALA A 417 -4.22 -9.80 17.58
C ALA A 417 -3.01 -10.01 16.68
N VAL A 418 -1.94 -10.51 17.27
CA VAL A 418 -0.78 -10.92 16.49
C VAL A 418 -0.88 -12.42 16.24
N LEU A 419 -1.10 -12.80 14.99
CA LEU A 419 -1.24 -14.21 14.65
C LEU A 419 0.01 -14.76 14.01
N SER A 420 0.17 -16.07 14.11
CA SER A 420 1.21 -16.76 13.37
C SER A 420 0.93 -16.59 11.88
N GLU A 421 1.95 -16.74 11.06
CA GLU A 421 1.78 -16.70 9.61
C GLU A 421 0.63 -17.61 9.16
N GLU A 422 0.58 -18.80 9.73
CA GLU A 422 -0.44 -19.79 9.42
C GLU A 422 -1.84 -19.32 9.81
N ASP A 423 -1.98 -18.80 11.03
CA ASP A 423 -3.28 -18.35 11.53
C ASP A 423 -3.80 -17.11 10.81
N TYR A 424 -2.89 -16.21 10.44
CA TYR A 424 -3.25 -15.01 9.71
C TYR A 424 -3.86 -15.41 8.35
N LYS A 425 -3.17 -16.27 7.62
CA LYS A 425 -3.71 -16.84 6.38
C LYS A 425 -5.09 -17.46 6.59
N ALA A 426 -5.26 -18.18 7.69
CA ALA A 426 -6.55 -18.82 7.97
C ALA A 426 -7.62 -17.78 8.24
N ALA A 427 -7.22 -16.66 8.84
CA ALA A 427 -8.17 -15.59 9.12
C ALA A 427 -8.65 -14.93 7.84
N ILE A 428 -7.73 -14.67 6.92
CA ILE A 428 -8.09 -14.04 5.64
C ILE A 428 -8.89 -15.00 4.75
N ASN A 429 -8.42 -16.25 4.66
CA ASN A 429 -9.12 -17.24 3.84
C ASN A 429 -10.52 -17.52 4.34
N PHE A 430 -10.70 -17.57 5.66
CA PHE A 430 -12.03 -17.77 6.23
C PHE A 430 -12.96 -16.66 5.77
N LEU A 431 -12.47 -15.43 5.79
CA LEU A 431 -13.26 -14.28 5.40
C LEU A 431 -13.66 -14.37 3.93
N ILE A 432 -12.71 -14.79 3.10
CA ILE A 432 -12.95 -14.92 1.67
C ILE A 432 -13.97 -16.02 1.38
N ASP A 433 -13.99 -17.04 2.23
CA ASP A 433 -14.94 -18.15 2.05
C ASP A 433 -16.37 -17.81 2.47
N GLN A 434 -16.64 -16.57 2.86
CA GLN A 434 -17.96 -16.22 3.37
C GLN A 434 -18.82 -15.61 2.28
N ASP A 435 -20.02 -15.17 2.67
CA ASP A 435 -20.98 -14.65 1.71
CA ASP A 435 -21.03 -14.68 1.74
C ASP A 435 -21.47 -13.26 2.12
N PHE A 436 -21.52 -12.35 1.15
CA PHE A 436 -21.92 -10.97 1.44
C PHE A 436 -22.96 -10.45 0.44
N ASN A 437 -23.62 -11.39 -0.24
CA ASN A 437 -24.64 -11.05 -1.24
C ASN A 437 -25.81 -10.23 -0.72
N THR A 438 -26.32 -10.59 0.46
CA THR A 438 -27.44 -9.88 1.05
C THR A 438 -27.11 -9.37 2.44
N LYS A 439 -27.89 -8.44 2.94
CA LYS A 439 -27.70 -7.90 4.27
C LYS A 439 -27.61 -9.01 5.32
N HIS A 440 -28.57 -9.93 5.28
CA HIS A 440 -28.63 -10.98 6.29
CA HIS A 440 -28.66 -11.01 6.26
C HIS A 440 -27.44 -11.93 6.22
N LYS A 441 -27.01 -12.27 5.02
CA LYS A 441 -25.87 -13.17 4.85
C LYS A 441 -24.56 -12.50 5.27
N ALA A 442 -24.43 -11.20 4.99
CA ALA A 442 -23.22 -10.45 5.34
C ALA A 442 -23.12 -10.28 6.86
N ILE A 443 -24.24 -9.99 7.50
CA ILE A 443 -24.28 -9.89 8.95
C ILE A 443 -23.86 -11.22 9.60
N ALA A 444 -24.28 -12.32 8.99
CA ALA A 444 -23.92 -13.64 9.48
C ALA A 444 -22.44 -13.93 9.24
N SER A 445 -21.94 -13.52 8.09
CA SER A 445 -20.55 -13.73 7.74
C SER A 445 -19.65 -12.94 8.70
N THR A 446 -20.09 -11.74 9.05
CA THR A 446 -19.34 -10.87 9.96
C THR A 446 -19.19 -11.50 11.35
N LYS A 447 -20.32 -11.89 11.96
CA LYS A 447 -20.30 -12.59 13.24
C LYS A 447 -19.41 -13.82 13.21
N ALA A 448 -19.47 -14.55 12.11
CA ALA A 448 -18.70 -15.76 11.95
C ALA A 448 -17.20 -15.48 11.91
N TRP A 449 -16.80 -14.49 11.10
CA TRP A 449 -15.38 -14.16 10.99
C TRP A 449 -14.83 -13.59 12.31
N ALA A 450 -15.65 -12.80 13.00
CA ALA A 450 -15.24 -12.17 14.24
C ALA A 450 -14.93 -13.23 15.30
N GLU A 451 -15.75 -14.27 15.32
CA GLU A 451 -15.55 -15.38 16.25
C GLU A 451 -14.32 -16.20 15.88
N LYS A 452 -14.14 -16.43 14.59
CA LYS A 452 -12.98 -17.16 14.08
C LYS A 452 -11.68 -16.46 14.46
N VAL A 453 -11.67 -15.14 14.31
CA VAL A 453 -10.51 -14.35 14.67
C VAL A 453 -10.23 -14.49 16.16
N ALA A 454 -11.28 -14.32 16.97
CA ALA A 454 -11.18 -14.47 18.42
C ALA A 454 -10.59 -15.82 18.80
N SER A 455 -11.04 -16.87 18.13
CA SER A 455 -10.56 -18.21 18.39
CA SER A 455 -10.56 -18.22 18.40
C SER A 455 -9.08 -18.36 18.07
N LEU A 456 -8.68 -17.84 16.92
CA LEU A 456 -7.28 -17.93 16.50
C LEU A 456 -6.39 -17.10 17.41
N ALA A 457 -6.95 -15.99 17.92
CA ALA A 457 -6.20 -15.05 18.75
C ALA A 457 -6.11 -15.51 20.20
N ASP A 458 -6.92 -16.50 20.55
CA ASP A 458 -7.13 -16.87 21.95
C ASP A 458 -7.54 -15.65 22.75
N GLN A 459 -8.58 -14.97 22.28
CA GLN A 459 -9.30 -13.95 23.04
C GLN A 459 -10.79 -14.27 22.95
N LEU A 460 -11.60 -13.67 23.81
CA LEU A 460 -13.05 -13.89 23.78
C LEU A 460 -13.69 -13.02 22.72
N TRP A 461 -13.08 -11.87 22.49
CA TRP A 461 -13.62 -10.86 21.60
C TRP A 461 -12.44 -10.01 21.17
N VAL A 462 -12.28 -9.83 19.87
CA VAL A 462 -11.17 -9.06 19.33
C VAL A 462 -11.63 -7.72 18.78
N GLY A 463 -10.85 -6.67 19.07
CA GLY A 463 -11.10 -5.37 18.47
C GLY A 463 -11.52 -4.31 19.45
N GLN A 464 -12.12 -3.25 18.93
CA GLN A 464 -12.67 -2.20 19.78
C GLN A 464 -13.65 -1.37 18.98
N ARG A 465 -14.49 -0.65 19.70
CA ARG A 465 -15.47 0.21 19.08
C ARG A 465 -14.95 1.63 19.10
N VAL A 466 -15.23 2.36 18.02
CA VAL A 466 -14.71 3.70 17.84
C VAL A 466 -15.83 4.67 17.56
N GLU A 467 -15.84 5.79 18.27
CA GLU A 467 -16.81 6.84 17.97
C GLU A 467 -16.08 8.08 17.51
N GLY A 468 -16.48 8.60 16.35
CA GLY A 468 -15.88 9.81 15.80
C GLY A 468 -15.92 11.01 16.74
N ARG A 469 -14.92 11.86 16.62
CA ARG A 469 -14.72 13.02 17.49
C ARG A 469 -14.53 14.29 16.68
N ASN A 470 -14.28 14.14 15.38
CA ASN A 470 -13.98 15.27 14.50
C ASN A 470 -15.22 16.11 14.24
N ALA A 471 -15.17 17.39 14.63
CA ALA A 471 -16.35 18.23 14.57
C ALA A 471 -16.30 19.24 13.43
N THR A 472 -15.18 19.28 12.72
CA THR A 472 -14.98 20.24 11.64
C THR A 472 -15.78 19.85 10.40
C1 GOL B . -5.04 -1.41 -3.98
O1 GOL B . -5.71 -1.20 -5.21
C2 GOL B . -4.47 -2.83 -3.88
O2 GOL B . -5.45 -3.76 -4.30
C3 GOL B . -3.27 -2.97 -4.81
O3 GOL B . -2.28 -2.02 -4.49
#